data_5EC4
#
_entry.id   5EC4
#
_cell.length_a   175.632
_cell.length_b   175.632
_cell.length_c   122.215
_cell.angle_alpha   90.00
_cell.angle_beta   90.00
_cell.angle_gamma   120.00
#
_symmetry.space_group_name_H-M   'H 3 2'
#
loop_
_entity.id
_entity.type
_entity.pdbx_description
1 polymer 'Enhanced intracellular survival protein'
2 non-polymer 'COENZYME A'
3 non-polymer 5-(3-chlorophenyl)-4-methyl-~{N}-(3-morpholin-4-ylpropyl)-1,1-bis(oxidanylidene)-1,2-thiazol-3-amine
4 water water
#
_entity_poly.entity_id   1
_entity_poly.type   'polypeptide(L)'
_entity_poly.pdbx_seq_one_letter_code
;MGSSHHHHHHSSGLVPRGSHMTVTLCSPTEDDWPGMFLLAAASFTDFIGPESATAWRTLVPTDGAVVVRDGAGPGSEVVG
MALYMDLRLTVPGEVVLPTAGLSFVAVAPTHRRRGLLRAMCAELHRRIADSGYPVAALHASEGGIYGRFGYGPATTLHEL
TVDRRFARFHADAPGGGLGGSSVRLVRPTEHRGEFEAIYERWRQQVPGGLLRPQVLWDELLAEAKAAPGGDRESFALLHP
DGYALYRVDRTDLKLARVSELRAVTADAHCALWRALIGLDSMERISIITHPQDPLPHLLTDTRLARTTWRQDGLWLRIMN
VPAALEARGYAHEVGEFSTVLEVSDGGRFALKIGDGRARCTPTDAAAEIEMDRDVLGSLYLGAHRASTLAAANRLRTKDS
QLLRRLDAAFASDVPVQTAFEF
;
_entity_poly.pdbx_strand_id   A
#
loop_
_chem_comp.id
_chem_comp.type
_chem_comp.name
_chem_comp.formula
5LQ non-polymer 5-(3-chlorophenyl)-4-methyl-~{N}-(3-morpholin-4-ylpropyl)-1,1-bis(oxidanylidene)-1,2-thiazol-3-amine 'C17 H22 Cl N3 O3 S'
COA non-polymer 'COENZYME A' 'C21 H36 N7 O16 P3 S'
#
# COMPACT_ATOMS: atom_id res chain seq x y z
N VAL A 23 17.05 22.05 21.83
CA VAL A 23 16.54 20.71 21.41
C VAL A 23 17.35 20.19 20.20
N THR A 24 17.93 18.99 20.35
CA THR A 24 18.84 18.43 19.33
C THR A 24 18.20 17.27 18.55
N LEU A 25 18.62 17.11 17.30
CA LEU A 25 18.13 16.03 16.43
C LEU A 25 19.29 15.15 15.96
N CYS A 26 19.19 13.83 16.16
CA CYS A 26 20.27 12.94 15.73
C CYS A 26 19.86 11.48 15.55
N SER A 27 20.78 10.70 15.00
CA SER A 27 20.59 9.27 14.88
C SER A 27 20.65 8.66 16.27
N PRO A 28 19.68 7.82 16.64
CA PRO A 28 19.67 7.24 17.97
C PRO A 28 20.72 6.16 18.21
N THR A 29 21.23 6.08 19.44
CA THR A 29 22.09 4.99 19.86
C THR A 29 21.25 3.95 20.57
N GLU A 30 21.85 2.80 20.88
CA GLU A 30 21.12 1.69 21.48
C GLU A 30 20.40 2.09 22.78
N ASP A 31 20.99 3.02 23.52
CA ASP A 31 20.41 3.50 24.77
C ASP A 31 19.15 4.36 24.58
N ASP A 32 18.91 4.83 23.36
CA ASP A 32 17.75 5.66 23.08
C ASP A 32 16.47 4.84 22.93
N TRP A 33 16.60 3.55 22.64
CA TRP A 33 15.46 2.73 22.22
C TRP A 33 14.40 2.42 23.29
N PRO A 34 14.82 2.23 24.56
CA PRO A 34 13.79 2.07 25.59
C PRO A 34 12.87 3.30 25.69
N GLY A 35 13.44 4.49 25.61
CA GLY A 35 12.67 5.73 25.55
C GLY A 35 11.79 5.84 24.31
N MET A 36 12.30 5.35 23.17
CA MET A 36 11.54 5.38 21.93
C MET A 36 10.33 4.44 22.02
N PHE A 37 10.54 3.22 22.52
CA PHE A 37 9.42 2.28 22.75
C PHE A 37 8.37 2.82 23.73
N LEU A 38 8.81 3.59 24.73
CA LEU A 38 7.91 4.22 25.68
C LEU A 38 7.03 5.24 24.93
N LEU A 39 7.66 6.13 24.18
CA LEU A 39 6.94 7.11 23.35
C LEU A 39 5.91 6.40 22.47
N ALA A 40 6.34 5.33 21.80
CA ALA A 40 5.48 4.56 20.89
C ALA A 40 4.28 3.94 21.59
N ALA A 41 4.53 3.37 22.77
CA ALA A 41 3.47 2.72 23.54
C ALA A 41 2.39 3.74 23.93
N ALA A 42 2.82 4.95 24.28
CA ALA A 42 1.90 6.00 24.72
C ALA A 42 1.29 6.83 23.58
N SER A 43 1.83 6.72 22.38
CA SER A 43 1.46 7.62 21.27
C SER A 43 0.56 6.98 20.24
N PHE A 44 0.78 5.70 19.96
CA PHE A 44 -0.01 5.02 18.95
C PHE A 44 -1.32 4.54 19.57
N THR A 45 -2.30 4.21 18.73
CA THR A 45 -3.60 3.78 19.21
C THR A 45 -3.48 2.38 19.81
N ASP A 46 -2.68 1.54 19.15
CA ASP A 46 -2.43 0.17 19.58
C ASP A 46 -1.04 -0.29 19.11
N PHE A 47 -0.01 0.14 19.83
CA PHE A 47 1.39 -0.16 19.50
C PHE A 47 1.65 -1.67 19.40
N ILE A 48 2.32 -2.09 18.33
CA ILE A 48 2.59 -3.51 18.10
C ILE A 48 3.52 -4.14 19.13
N GLY A 49 4.23 -3.31 19.91
CA GLY A 49 5.02 -3.79 21.04
C GLY A 49 6.49 -3.96 20.69
N PRO A 50 7.37 -3.98 21.72
CA PRO A 50 8.83 -4.00 21.54
C PRO A 50 9.37 -5.18 20.75
N GLU A 51 8.79 -6.37 20.96
CA GLU A 51 9.27 -7.56 20.28
C GLU A 51 9.01 -7.49 18.77
N SER A 52 7.77 -7.18 18.38
CA SER A 52 7.44 -7.03 16.98
C SER A 52 8.25 -5.93 16.31
N ALA A 53 8.33 -4.78 16.97
CA ALA A 53 9.00 -3.62 16.40
C ALA A 53 10.50 -3.86 16.19
N THR A 54 11.11 -4.66 17.07
CA THR A 54 12.50 -5.07 16.92
C THR A 54 12.69 -5.93 15.67
N ALA A 55 11.75 -6.82 15.36
CA ALA A 55 11.82 -7.57 14.12
C ALA A 55 11.72 -6.64 12.89
N TRP A 56 10.73 -5.74 12.88
CA TRP A 56 10.62 -4.75 11.80
C TRP A 56 11.87 -3.87 11.68
N ARG A 57 12.50 -3.56 12.80
CA ARG A 57 13.70 -2.76 12.83
C ARG A 57 14.86 -3.34 11.99
N THR A 58 14.89 -4.65 11.78
CA THR A 58 15.92 -5.25 10.91
C THR A 58 15.85 -4.72 9.45
N LEU A 59 14.71 -4.16 9.05
CA LEU A 59 14.57 -3.53 7.73
C LEU A 59 15.01 -2.07 7.70
N VAL A 60 15.36 -1.51 8.86
CA VAL A 60 15.76 -0.11 8.95
C VAL A 60 17.29 -0.02 8.78
N PRO A 61 17.75 0.70 7.73
CA PRO A 61 19.20 0.73 7.55
C PRO A 61 19.89 1.60 8.58
N THR A 62 21.21 1.42 8.68
CA THR A 62 22.05 2.32 9.47
C THR A 62 21.74 3.77 9.06
N ASP A 63 21.62 4.67 10.01
CA ASP A 63 21.26 6.06 9.67
C ASP A 63 19.83 6.27 9.09
N GLY A 64 18.97 5.25 9.18
CA GLY A 64 17.59 5.35 8.72
C GLY A 64 16.61 5.91 9.78
N ALA A 65 17.12 6.22 10.97
CA ALA A 65 16.30 6.69 12.09
C ALA A 65 16.81 8.00 12.67
N VAL A 66 15.89 8.84 13.11
CA VAL A 66 16.22 10.07 13.82
C VAL A 66 15.42 10.14 15.14
N VAL A 67 16.02 10.78 16.15
CA VAL A 67 15.35 11.11 17.41
C VAL A 67 15.56 12.57 17.76
N VAL A 68 14.62 13.10 18.54
CA VAL A 68 14.73 14.43 19.10
C VAL A 68 14.77 14.29 20.61
N ARG A 69 15.79 14.84 21.25
CA ARG A 69 15.89 14.81 22.71
C ARG A 69 15.65 16.19 23.28
N ASP A 70 15.10 16.24 24.49
CA ASP A 70 14.84 17.50 25.19
C ASP A 70 16.02 17.79 26.10
N GLY A 71 16.87 18.73 25.68
CA GLY A 71 18.09 19.08 26.40
C GLY A 71 19.14 19.69 25.49
N SER A 76 18.02 13.79 29.59
CA SER A 76 17.31 14.27 28.42
C SER A 76 16.51 13.13 27.77
N GLU A 77 15.19 13.21 27.89
CA GLU A 77 14.29 12.18 27.36
C GLU A 77 13.94 12.40 25.89
N VAL A 78 13.46 11.34 25.25
CA VAL A 78 13.11 11.39 23.83
C VAL A 78 11.71 11.92 23.62
N VAL A 79 11.61 13.02 22.88
CA VAL A 79 10.34 13.72 22.64
C VAL A 79 9.85 13.63 21.19
N GLY A 80 10.67 13.04 20.33
CA GLY A 80 10.34 12.87 18.91
C GLY A 80 11.14 11.75 18.25
N MET A 81 10.56 11.13 17.24
CA MET A 81 11.25 10.09 16.47
C MET A 81 10.55 9.83 15.14
N ALA A 82 11.33 9.26 14.22
CA ALA A 82 10.86 8.88 12.91
C ALA A 82 11.95 8.02 12.26
N LEU A 83 11.54 7.10 11.40
CA LEU A 83 12.48 6.32 10.62
C LEU A 83 11.90 5.88 9.28
N TYR A 84 12.79 5.33 8.45
CA TYR A 84 12.37 4.66 7.22
C TYR A 84 13.01 3.26 7.10
N MET A 85 12.26 2.37 6.45
CA MET A 85 12.72 1.04 6.13
C MET A 85 13.05 0.91 4.65
N ASP A 86 13.91 -0.02 4.33
CA ASP A 86 14.25 -0.34 2.95
C ASP A 86 13.20 -1.27 2.35
N LEU A 87 12.41 -0.77 1.42
CA LEU A 87 11.38 -1.60 0.79
C LEU A 87 11.57 -1.70 -0.72
N ARG A 88 10.89 -2.67 -1.31
CA ARG A 88 10.84 -2.85 -2.76
C ARG A 88 9.38 -2.79 -3.21
N LEU A 89 9.05 -1.74 -3.96
CA LEU A 89 7.70 -1.47 -4.43
C LEU A 89 7.56 -1.76 -5.92
N THR A 90 6.56 -2.54 -6.28
CA THR A 90 6.26 -2.78 -7.68
C THR A 90 5.38 -1.65 -8.24
N VAL A 91 5.76 -1.15 -9.42
CA VAL A 91 4.99 -0.09 -10.09
C VAL A 91 4.59 -0.60 -11.49
N PRO A 92 3.67 0.13 -12.17
CA PRO A 92 3.15 -0.36 -13.45
C PRO A 92 4.24 -0.74 -14.45
N GLY A 93 4.01 -1.83 -15.16
CA GLY A 93 5.00 -2.41 -16.06
C GLY A 93 5.86 -3.42 -15.35
N GLU A 94 5.42 -3.88 -14.17
CA GLU A 94 6.17 -4.83 -13.35
C GLU A 94 7.61 -4.36 -13.02
N VAL A 95 7.79 -3.06 -12.86
CA VAL A 95 9.10 -2.52 -12.49
C VAL A 95 9.12 -2.41 -10.96
N VAL A 96 10.24 -2.82 -10.35
CA VAL A 96 10.43 -2.79 -8.89
C VAL A 96 11.38 -1.66 -8.52
N LEU A 97 10.93 -0.76 -7.66
CA LEU A 97 11.72 0.40 -7.25
C LEU A 97 12.14 0.29 -5.80
N PRO A 98 13.42 0.63 -5.50
CA PRO A 98 13.76 0.77 -4.08
C PRO A 98 12.96 1.91 -3.50
N THR A 99 12.39 1.70 -2.33
CA THR A 99 11.43 2.63 -1.76
C THR A 99 11.72 2.80 -0.27
N ALA A 100 11.77 4.04 0.20
CA ALA A 100 11.90 4.30 1.64
C ALA A 100 10.53 4.38 2.32
N GLY A 101 10.26 3.41 3.21
CA GLY A 101 8.96 3.31 3.90
C GLY A 101 9.00 3.99 5.25
N LEU A 102 8.43 5.19 5.37
CA LEU A 102 8.43 5.91 6.66
C LEU A 102 7.50 5.21 7.64
N SER A 103 7.88 5.22 8.92
CA SER A 103 7.13 4.54 9.97
C SER A 103 7.65 4.98 11.35
N PHE A 104 6.98 4.53 12.41
CA PHE A 104 7.44 4.78 13.79
C PHE A 104 7.65 6.28 14.02
N VAL A 105 6.72 7.08 13.50
CA VAL A 105 6.75 8.54 13.59
C VAL A 105 5.91 8.99 14.78
N ALA A 106 6.53 9.72 15.71
CA ALA A 106 5.82 10.23 16.87
C ALA A 106 6.43 11.51 17.42
N VAL A 107 5.56 12.39 17.93
CA VAL A 107 5.97 13.54 18.70
C VAL A 107 5.26 13.45 20.06
N ALA A 108 6.00 13.70 21.15
CA ALA A 108 5.41 13.57 22.48
C ALA A 108 4.25 14.55 22.67
N PRO A 109 3.21 14.12 23.40
CA PRO A 109 2.06 14.99 23.60
C PRO A 109 2.44 16.28 24.32
N THR A 110 3.55 16.23 25.04
CA THR A 110 4.12 17.36 25.75
C THR A 110 4.87 18.38 24.89
N HIS A 111 5.12 18.05 23.61
CA HIS A 111 5.96 18.87 22.74
C HIS A 111 5.34 19.14 21.36
N ARG A 112 4.01 19.16 21.30
CA ARG A 112 3.28 19.45 20.08
C ARG A 112 3.50 20.89 19.60
N ARG A 113 3.23 21.13 18.32
CA ARG A 113 3.25 22.47 17.72
C ARG A 113 4.57 23.22 17.91
N ARG A 114 5.67 22.47 17.94
CA ARG A 114 6.99 23.04 18.17
C ARG A 114 7.90 22.88 16.94
N GLY A 115 7.31 22.47 15.82
CA GLY A 115 8.06 22.24 14.58
C GLY A 115 8.84 20.93 14.53
N LEU A 116 8.56 20.00 15.43
CA LEU A 116 9.38 18.77 15.54
C LEU A 116 9.14 17.78 14.40
N LEU A 117 7.89 17.63 13.98
CA LEU A 117 7.61 16.75 12.85
C LEU A 117 8.31 17.28 11.59
N ARG A 118 8.17 18.58 11.34
CA ARG A 118 8.74 19.23 10.17
C ARG A 118 10.26 19.05 10.15
N ALA A 119 10.90 19.26 11.30
CA ALA A 119 12.35 19.05 11.40
C ALA A 119 12.73 17.59 11.12
N MET A 120 12.01 16.61 11.67
CA MET A 120 12.34 15.19 11.44
C MET A 120 12.13 14.74 10.00
N CYS A 121 11.03 15.16 9.40
CA CYS A 121 10.72 14.81 8.01
C CYS A 121 11.75 15.39 7.05
N ALA A 122 12.18 16.63 7.28
CA ALA A 122 13.15 17.28 6.41
C ALA A 122 14.51 16.59 6.48
N GLU A 123 14.92 16.19 7.68
CA GLU A 123 16.17 15.47 7.84
C GLU A 123 16.12 14.09 7.18
N LEU A 124 15.03 13.37 7.37
CA LEU A 124 14.88 12.04 6.77
C LEU A 124 14.82 12.12 5.24
N HIS A 125 14.10 13.12 4.73
CA HIS A 125 13.99 13.30 3.28
C HIS A 125 15.34 13.64 2.65
N ARG A 126 16.14 14.44 3.35
CA ARG A 126 17.50 14.73 2.90
C ARG A 126 18.33 13.43 2.84
N ARG A 127 18.26 12.62 3.89
CA ARG A 127 18.97 11.31 3.91
C ARG A 127 18.43 10.33 2.86
N ILE A 128 17.13 10.35 2.65
CA ILE A 128 16.50 9.44 1.67
C ILE A 128 16.93 9.84 0.27
N ALA A 129 16.93 11.13 -0.02
CA ALA A 129 17.34 11.64 -1.34
C ALA A 129 18.83 11.39 -1.60
N ASP A 130 19.68 11.69 -0.62
CA ASP A 130 21.13 11.47 -0.77
C ASP A 130 21.49 9.99 -0.90
N SER A 131 20.65 9.12 -0.36
CA SER A 131 20.90 7.67 -0.44
C SER A 131 20.52 7.08 -1.81
N GLY A 132 19.79 7.84 -2.64
CA GLY A 132 19.39 7.37 -3.96
C GLY A 132 18.02 6.69 -4.11
N TYR A 133 17.11 6.90 -3.16
CA TYR A 133 15.75 6.41 -3.32
C TYR A 133 14.97 7.34 -4.26
N PRO A 134 14.36 6.79 -5.32
CA PRO A 134 13.52 7.62 -6.19
C PRO A 134 12.12 7.90 -5.62
N VAL A 135 11.65 7.08 -4.68
CA VAL A 135 10.36 7.32 -4.01
C VAL A 135 10.42 6.95 -2.52
N ALA A 136 9.61 7.67 -1.75
CA ALA A 136 9.31 7.30 -0.37
C ALA A 136 7.81 6.99 -0.26
N ALA A 137 7.43 6.24 0.78
CA ALA A 137 6.04 5.84 0.98
C ALA A 137 5.69 5.67 2.44
N LEU A 138 4.38 5.72 2.73
CA LEU A 138 3.86 5.57 4.09
C LEU A 138 2.35 5.24 4.10
N HIS A 139 1.90 4.82 5.27
CA HIS A 139 0.48 4.69 5.57
C HIS A 139 0.12 5.77 6.59
N ALA A 140 -0.87 6.59 6.25
CA ALA A 140 -1.21 7.78 7.03
C ALA A 140 -2.13 7.45 8.21
N SER A 141 -1.77 7.96 9.38
CA SER A 141 -2.60 7.81 10.58
C SER A 141 -3.79 8.77 10.52
N GLU A 142 -3.60 9.90 9.84
CA GLU A 142 -4.67 10.86 9.60
C GLU A 142 -4.50 11.42 8.18
N GLY A 143 -5.62 11.68 7.51
CA GLY A 143 -5.58 12.10 6.11
C GLY A 143 -5.06 13.50 5.84
N GLY A 144 -4.97 14.36 6.86
CA GLY A 144 -4.64 15.78 6.65
C GLY A 144 -3.21 16.23 6.92
N ILE A 145 -2.31 15.29 7.25
CA ILE A 145 -0.97 15.64 7.71
C ILE A 145 0.11 15.63 6.62
N TYR A 146 0.04 14.69 5.68
CA TYR A 146 1.21 14.38 4.86
C TYR A 146 1.30 15.04 3.49
N GLY A 147 0.18 15.56 2.97
CA GLY A 147 0.14 16.30 1.72
C GLY A 147 1.12 17.46 1.63
N ARG A 148 1.32 18.16 2.73
CA ARG A 148 2.21 19.32 2.73
C ARG A 148 3.70 18.94 2.70
N PHE A 149 4.01 17.67 3.00
CA PHE A 149 5.36 17.14 2.84
C PHE A 149 5.57 16.40 1.53
N GLY A 150 4.65 16.58 0.58
CA GLY A 150 4.76 16.01 -0.74
C GLY A 150 4.20 14.60 -0.95
N TYR A 151 3.51 14.04 0.03
CA TYR A 151 2.91 12.71 -0.09
C TYR A 151 1.44 12.79 -0.55
N GLY A 152 1.10 11.99 -1.55
CA GLY A 152 -0.26 11.89 -2.05
C GLY A 152 -0.73 10.46 -1.93
N PRO A 153 -2.03 10.26 -1.64
CA PRO A 153 -2.53 8.89 -1.53
C PRO A 153 -2.57 8.22 -2.89
N ALA A 154 -2.06 6.99 -2.97
CA ALA A 154 -1.80 6.35 -4.26
C ALA A 154 -2.45 4.98 -4.46
N THR A 155 -3.02 4.41 -3.40
CA THR A 155 -3.83 3.20 -3.51
C THR A 155 -5.08 3.43 -2.71
N THR A 156 -6.12 2.65 -3.00
CA THR A 156 -7.44 2.82 -2.39
C THR A 156 -7.89 1.48 -1.82
N LEU A 157 -8.27 1.49 -0.54
CA LEU A 157 -8.76 0.32 0.17
C LEU A 157 -10.29 0.30 0.20
N HIS A 158 -10.82 -0.88 -0.07
CA HIS A 158 -12.24 -1.11 -0.18
C HIS A 158 -12.54 -2.26 0.75
N GLU A 159 -13.39 -2.06 1.74
CA GLU A 159 -13.92 -3.21 2.49
C GLU A 159 -15.21 -3.66 1.85
N LEU A 160 -15.23 -4.95 1.52
CA LEU A 160 -16.42 -5.63 1.05
C LEU A 160 -16.94 -6.54 2.17
N THR A 161 -18.25 -6.47 2.41
CA THR A 161 -18.92 -7.37 3.33
C THR A 161 -20.00 -8.15 2.59
N VAL A 162 -19.84 -9.47 2.56
CA VAL A 162 -20.73 -10.37 1.83
C VAL A 162 -21.63 -11.11 2.81
N ASP A 163 -22.94 -10.92 2.68
CA ASP A 163 -23.90 -11.76 3.41
C ASP A 163 -23.99 -13.08 2.69
N ARG A 164 -23.24 -14.07 3.18
CA ARG A 164 -23.07 -15.32 2.43
C ARG A 164 -24.28 -16.22 2.44
N ARG A 165 -25.26 -15.93 3.30
CA ARG A 165 -26.48 -16.74 3.32
C ARG A 165 -27.23 -16.69 1.98
N PHE A 166 -27.15 -15.56 1.28
CA PHE A 166 -27.85 -15.40 0.00
C PHE A 166 -26.95 -15.63 -1.22
N ALA A 167 -25.65 -15.76 -1.00
CA ALA A 167 -24.68 -15.71 -2.08
C ALA A 167 -24.75 -16.95 -2.92
N ARG A 168 -24.94 -16.75 -4.22
CA ARG A 168 -24.92 -17.82 -5.22
C ARG A 168 -23.99 -17.39 -6.35
N PHE A 169 -23.21 -18.32 -6.85
CA PHE A 169 -22.28 -18.02 -7.93
C PHE A 169 -22.97 -18.04 -9.28
N HIS A 170 -22.55 -17.13 -10.15
CA HIS A 170 -23.07 -17.02 -11.50
C HIS A 170 -22.69 -18.26 -12.29
N ALA A 171 -23.56 -18.64 -13.22
CA ALA A 171 -23.32 -19.76 -14.13
C ALA A 171 -21.96 -19.70 -14.84
N ASP A 172 -21.45 -18.49 -15.06
CA ASP A 172 -20.17 -18.24 -15.74
C ASP A 172 -18.94 -18.38 -14.83
N ALA A 173 -19.13 -18.26 -13.52
CA ALA A 173 -18.00 -18.26 -12.56
C ALA A 173 -17.12 -19.50 -12.74
N PRO A 174 -15.77 -19.31 -12.73
CA PRO A 174 -14.88 -20.47 -12.91
C PRO A 174 -15.02 -21.58 -11.85
N GLY A 175 -14.64 -22.80 -12.22
CA GLY A 175 -14.48 -23.91 -11.27
C GLY A 175 -15.74 -24.37 -10.54
N GLY A 176 -16.75 -24.78 -11.32
CA GLY A 176 -17.97 -25.35 -10.75
C GLY A 176 -18.51 -26.49 -11.59
N GLY A 177 -17.61 -27.36 -12.05
CA GLY A 177 -17.97 -28.47 -12.93
C GLY A 177 -18.63 -29.63 -12.20
N LEU A 178 -17.89 -30.72 -12.03
CA LEU A 178 -18.40 -31.91 -11.36
C LEU A 178 -17.25 -32.85 -10.97
N GLY A 179 -16.64 -32.57 -9.82
CA GLY A 179 -15.52 -33.38 -9.32
C GLY A 179 -15.00 -32.86 -7.99
N GLY A 180 -13.71 -33.12 -7.73
CA GLY A 180 -13.06 -32.67 -6.50
C GLY A 180 -12.79 -31.18 -6.48
N SER A 181 -12.59 -30.62 -5.29
CA SER A 181 -12.25 -29.20 -5.15
C SER A 181 -10.74 -29.02 -5.12
N SER A 182 -10.31 -27.84 -5.57
CA SER A 182 -8.90 -27.49 -5.70
C SER A 182 -8.34 -26.81 -4.44
N VAL A 183 -9.23 -26.42 -3.52
CA VAL A 183 -8.83 -25.69 -2.32
C VAL A 183 -8.80 -26.64 -1.14
N ARG A 184 -7.84 -26.46 -0.21
CA ARG A 184 -7.57 -27.48 0.81
C ARG A 184 -8.01 -27.26 2.28
N LEU A 185 -7.92 -26.04 2.80
CA LEU A 185 -8.21 -25.79 4.25
C LEU A 185 -7.12 -26.35 5.17
N VAL A 186 -6.22 -25.48 5.60
CA VAL A 186 -5.02 -25.91 6.31
C VAL A 186 -4.67 -24.98 7.46
N ARG A 187 -3.71 -25.40 8.29
CA ARG A 187 -3.14 -24.54 9.33
C ARG A 187 -2.04 -23.71 8.68
N PRO A 188 -2.04 -22.38 8.89
CA PRO A 188 -1.07 -21.51 8.23
C PRO A 188 0.41 -21.87 8.43
N THR A 189 0.82 -22.16 9.67
CA THR A 189 2.24 -22.40 9.95
C THR A 189 2.84 -23.65 9.30
N GLU A 190 2.00 -24.59 8.87
CA GLU A 190 2.47 -25.83 8.26
C GLU A 190 2.63 -25.73 6.73
N HIS A 191 2.33 -24.57 6.16
CA HIS A 191 2.43 -24.37 4.73
C HIS A 191 3.06 -23.02 4.40
N ARG A 192 4.06 -22.66 5.20
CA ARG A 192 4.72 -21.37 5.09
C ARG A 192 5.32 -21.16 3.70
N GLY A 193 6.01 -22.18 3.21
CA GLY A 193 6.67 -22.14 1.90
C GLY A 193 5.75 -21.86 0.72
N GLU A 194 4.55 -22.42 0.76
CA GLU A 194 3.61 -22.22 -0.34
C GLU A 194 3.02 -20.81 -0.34
N PHE A 195 2.74 -20.28 0.85
CA PHE A 195 2.27 -18.89 0.97
C PHE A 195 3.33 -17.91 0.46
N GLU A 196 4.56 -18.08 0.93
CA GLU A 196 5.70 -17.28 0.47
C GLU A 196 5.81 -17.25 -1.04
N ALA A 197 5.71 -18.41 -1.67
CA ALA A 197 5.89 -18.53 -3.10
C ALA A 197 4.72 -17.92 -3.87
N ILE A 198 3.50 -18.11 -3.38
CA ILE A 198 2.32 -17.48 -3.99
C ILE A 198 2.41 -15.95 -3.87
N TYR A 199 2.74 -15.44 -2.68
CA TYR A 199 2.82 -14.00 -2.44
C TYR A 199 3.91 -13.36 -3.30
N GLU A 200 5.07 -14.00 -3.37
CA GLU A 200 6.19 -13.54 -4.21
C GLU A 200 5.77 -13.36 -5.68
N ARG A 201 5.06 -14.34 -6.24
CA ARG A 201 4.53 -14.19 -7.61
C ARG A 201 3.55 -13.00 -7.73
N TRP A 202 2.68 -12.85 -6.73
CA TRP A 202 1.69 -11.79 -6.73
C TRP A 202 2.32 -10.39 -6.70
N ARG A 203 3.28 -10.20 -5.80
CA ARG A 203 3.82 -8.86 -5.56
C ARG A 203 4.63 -8.35 -6.73
N GLN A 204 5.26 -9.26 -7.47
CA GLN A 204 6.03 -8.90 -8.66
C GLN A 204 5.17 -8.52 -9.85
N GLN A 205 3.92 -8.95 -9.87
CA GLN A 205 3.07 -8.61 -11.01
C GLN A 205 2.04 -7.52 -10.75
N VAL A 206 1.92 -7.05 -9.50
CA VAL A 206 0.88 -6.09 -9.18
C VAL A 206 1.43 -4.74 -8.71
N PRO A 207 1.04 -3.65 -9.36
CA PRO A 207 1.38 -2.32 -8.84
C PRO A 207 0.88 -2.13 -7.40
N GLY A 208 1.79 -1.70 -6.54
CA GLY A 208 1.55 -1.66 -5.12
C GLY A 208 2.14 -2.83 -4.36
N GLY A 209 2.52 -3.90 -5.05
CA GLY A 209 3.13 -5.05 -4.35
C GLY A 209 4.40 -4.66 -3.62
N LEU A 210 4.64 -5.26 -2.47
CA LEU A 210 5.87 -5.07 -1.70
C LEU A 210 6.52 -6.42 -1.43
N LEU A 211 7.84 -6.51 -1.60
CA LEU A 211 8.59 -7.69 -1.19
C LEU A 211 8.34 -7.90 0.31
N ARG A 212 8.05 -9.13 0.70
CA ARG A 212 7.86 -9.45 2.11
C ARG A 212 9.01 -10.34 2.58
N PRO A 213 10.03 -9.76 3.24
CA PRO A 213 11.17 -10.58 3.73
C PRO A 213 10.81 -11.58 4.82
N GLN A 214 11.77 -12.42 5.19
CA GLN A 214 11.54 -13.52 6.12
C GLN A 214 10.99 -13.07 7.46
N VAL A 215 11.58 -12.03 8.05
CA VAL A 215 11.12 -11.55 9.34
C VAL A 215 9.63 -11.13 9.33
N LEU A 216 9.12 -10.68 8.19
CA LEU A 216 7.71 -10.27 8.13
C LEU A 216 6.78 -11.47 7.99
N TRP A 217 7.27 -12.54 7.37
CA TRP A 217 6.58 -13.82 7.41
C TRP A 217 6.57 -14.41 8.83
N ASP A 218 7.71 -14.33 9.56
CA ASP A 218 7.71 -14.71 10.98
C ASP A 218 6.60 -13.96 11.74
N GLU A 219 6.55 -12.65 11.55
CA GLU A 219 5.57 -11.80 12.24
C GLU A 219 4.14 -12.16 11.85
N LEU A 220 3.90 -12.33 10.54
CA LEU A 220 2.57 -12.66 10.05
C LEU A 220 2.04 -13.96 10.64
N LEU A 221 2.87 -15.00 10.61
CA LEU A 221 2.49 -16.30 11.15
C LEU A 221 2.36 -16.30 12.68
N ALA A 222 3.09 -15.43 13.37
CA ALA A 222 2.91 -15.29 14.82
C ALA A 222 1.52 -14.75 15.14
N GLU A 223 1.05 -13.79 14.34
CA GLU A 223 -0.29 -13.21 14.49
C GLU A 223 -1.42 -14.18 14.13
N ALA A 224 -1.09 -15.29 13.49
CA ALA A 224 -2.09 -16.30 13.12
C ALA A 224 -2.62 -17.10 14.32
N LYS A 225 -1.84 -17.16 15.40
CA LYS A 225 -2.28 -17.92 16.59
C LYS A 225 -3.25 -17.14 17.47
N ALA A 226 -4.12 -17.87 18.15
CA ALA A 226 -5.10 -17.28 19.05
C ALA A 226 -4.38 -16.68 20.26
N ALA A 227 -4.99 -15.66 20.85
CA ALA A 227 -4.45 -15.02 22.04
C ALA A 227 -5.50 -15.04 23.16
N PRO A 228 -5.09 -15.37 24.40
CA PRO A 228 -6.05 -15.40 25.51
C PRO A 228 -6.62 -14.01 25.77
N GLY A 229 -7.94 -13.87 25.59
CA GLY A 229 -8.59 -12.57 25.63
C GLY A 229 -8.20 -11.71 24.44
N GLY A 230 -7.92 -12.37 23.31
CA GLY A 230 -7.41 -11.70 22.11
C GLY A 230 -8.10 -12.15 20.85
N ASP A 231 -7.40 -12.04 19.73
CA ASP A 231 -7.88 -12.54 18.44
C ASP A 231 -7.98 -14.05 18.47
N ARG A 232 -8.88 -14.60 17.66
CA ARG A 232 -9.08 -16.04 17.60
C ARG A 232 -8.08 -16.64 16.60
N GLU A 233 -7.94 -17.95 16.60
CA GLU A 233 -6.99 -18.62 15.72
C GLU A 233 -7.33 -18.39 14.23
N SER A 234 -6.30 -18.24 13.41
CA SER A 234 -6.46 -18.09 11.97
C SER A 234 -6.35 -19.42 11.24
N PHE A 235 -7.10 -19.54 10.16
CA PHE A 235 -6.98 -20.68 9.27
C PHE A 235 -6.66 -20.20 7.86
N ALA A 236 -6.37 -21.14 6.99
CA ALA A 236 -6.05 -20.80 5.63
C ALA A 236 -6.78 -21.70 4.68
N LEU A 237 -7.13 -21.12 3.53
CA LEU A 237 -7.59 -21.84 2.37
C LEU A 237 -6.49 -21.74 1.31
N LEU A 238 -6.00 -22.90 0.87
CA LEU A 238 -4.81 -22.98 0.03
C LEU A 238 -5.15 -23.61 -1.31
N HIS A 239 -4.78 -22.91 -2.39
CA HIS A 239 -4.94 -23.32 -3.79
C HIS A 239 -3.53 -23.24 -4.39
N PRO A 240 -3.23 -24.00 -5.45
CA PRO A 240 -1.90 -23.88 -6.11
C PRO A 240 -1.49 -22.45 -6.50
N ASP A 241 -2.47 -21.61 -6.81
CA ASP A 241 -2.25 -20.27 -7.37
C ASP A 241 -2.91 -19.17 -6.51
N GLY A 242 -3.14 -19.45 -5.23
CA GLY A 242 -3.72 -18.45 -4.33
C GLY A 242 -4.00 -18.97 -2.92
N TYR A 243 -4.10 -18.04 -1.97
CA TYR A 243 -4.46 -18.38 -0.61
C TYR A 243 -5.31 -17.29 0.02
N ALA A 244 -6.09 -17.68 1.02
CA ALA A 244 -6.77 -16.73 1.90
C ALA A 244 -6.45 -17.11 3.33
N LEU A 245 -6.20 -16.10 4.17
CA LEU A 245 -6.06 -16.25 5.62
C LEU A 245 -7.28 -15.61 6.27
N TYR A 246 -7.96 -16.33 7.15
CA TYR A 246 -9.13 -15.76 7.83
C TYR A 246 -9.24 -16.16 9.30
N ARG A 247 -9.98 -15.36 10.05
CA ARG A 247 -10.35 -15.70 11.42
C ARG A 247 -11.75 -15.18 11.75
N VAL A 248 -12.46 -15.88 12.63
CA VAL A 248 -13.75 -15.41 13.14
C VAL A 248 -13.51 -14.15 13.97
N ASP A 249 -14.41 -13.17 13.87
CA ASP A 249 -14.28 -11.94 14.66
C ASP A 249 -14.32 -12.26 16.16
N ARG A 250 -13.61 -11.48 16.97
CA ARG A 250 -13.56 -11.77 18.41
C ARG A 250 -14.92 -11.64 19.11
N THR A 251 -15.73 -10.65 18.73
CA THR A 251 -17.02 -10.38 19.41
C THR A 251 -18.25 -10.82 18.60
N ASP A 252 -18.25 -10.57 17.28
CA ASP A 252 -19.31 -11.05 16.39
C ASP A 252 -18.91 -12.41 15.83
N LEU A 253 -19.42 -13.47 16.44
CA LEU A 253 -19.04 -14.83 16.07
C LEU A 253 -19.69 -15.33 14.78
N LYS A 254 -20.52 -14.50 14.14
CA LYS A 254 -21.11 -14.81 12.84
C LYS A 254 -20.41 -14.05 11.70
N LEU A 255 -19.31 -13.37 12.01
CA LEU A 255 -18.49 -12.67 11.04
C LEU A 255 -17.09 -13.28 10.89
N ALA A 256 -16.72 -13.64 9.67
CA ALA A 256 -15.35 -14.07 9.38
C ALA A 256 -14.62 -12.94 8.67
N ARG A 257 -13.44 -12.60 9.20
CA ARG A 257 -12.61 -11.56 8.63
C ARG A 257 -11.45 -12.18 7.86
N VAL A 258 -11.40 -11.90 6.57
CA VAL A 258 -10.28 -12.31 5.73
C VAL A 258 -9.17 -11.28 5.87
N SER A 259 -8.07 -11.65 6.52
CA SER A 259 -6.98 -10.71 6.75
C SER A 259 -6.16 -10.48 5.47
N GLU A 260 -6.10 -11.49 4.61
CA GLU A 260 -5.31 -11.45 3.39
C GLU A 260 -5.78 -12.51 2.42
N LEU A 261 -5.93 -12.13 1.16
CA LEU A 261 -6.29 -13.01 0.07
C LEU A 261 -5.42 -12.62 -1.12
N ARG A 262 -4.56 -13.54 -1.55
CA ARG A 262 -3.67 -13.31 -2.69
C ARG A 262 -3.83 -14.40 -3.74
N ALA A 263 -4.16 -13.99 -4.97
CA ALA A 263 -4.48 -14.93 -6.03
C ALA A 263 -3.84 -14.42 -7.31
N VAL A 264 -3.24 -15.34 -8.05
CA VAL A 264 -2.51 -15.03 -9.28
C VAL A 264 -3.26 -15.44 -10.56
N THR A 265 -4.38 -16.17 -10.42
CA THR A 265 -5.23 -16.50 -11.57
C THR A 265 -6.67 -16.29 -11.14
N ALA A 266 -7.55 -16.09 -12.12
CA ALA A 266 -8.98 -15.91 -11.87
C ALA A 266 -9.59 -17.18 -11.28
N ASP A 267 -9.15 -18.34 -11.76
CA ASP A 267 -9.57 -19.61 -11.19
C ASP A 267 -9.28 -19.68 -9.69
N ALA A 268 -8.10 -19.26 -9.26
CA ALA A 268 -7.74 -19.36 -7.84
C ALA A 268 -8.61 -18.43 -7.01
N HIS A 269 -8.80 -17.22 -7.50
CA HIS A 269 -9.62 -16.21 -6.84
C HIS A 269 -11.05 -16.70 -6.64
N CYS A 270 -11.68 -17.17 -7.70
CA CYS A 270 -13.02 -17.72 -7.62
C CYS A 270 -13.12 -18.96 -6.72
N ALA A 271 -12.17 -19.88 -6.88
CA ALA A 271 -12.15 -21.09 -6.07
C ALA A 271 -12.07 -20.76 -4.58
N LEU A 272 -11.25 -19.78 -4.22
CA LEU A 272 -11.11 -19.40 -2.81
C LEU A 272 -12.41 -18.78 -2.28
N TRP A 273 -13.10 -17.98 -3.10
CA TRP A 273 -14.36 -17.38 -2.68
C TRP A 273 -15.50 -18.40 -2.55
N ARG A 274 -15.55 -19.38 -3.44
CA ARG A 274 -16.43 -20.55 -3.26
C ARG A 274 -16.22 -21.21 -1.89
N ALA A 275 -14.96 -21.40 -1.50
CA ALA A 275 -14.66 -21.99 -0.20
C ALA A 275 -15.14 -21.09 0.94
N LEU A 276 -14.83 -19.80 0.86
CA LEU A 276 -15.22 -18.85 1.91
C LEU A 276 -16.75 -18.77 2.07
N ILE A 277 -17.47 -18.77 0.96
CA ILE A 277 -18.93 -18.76 1.00
C ILE A 277 -19.47 -20.12 1.47
N GLY A 278 -18.64 -21.17 1.40
CA GLY A 278 -18.93 -22.44 2.06
C GLY A 278 -18.84 -22.46 3.59
N LEU A 279 -18.43 -21.37 4.23
CA LEU A 279 -18.38 -21.32 5.70
C LEU A 279 -19.77 -21.14 6.31
N ASP A 280 -20.52 -22.24 6.40
CA ASP A 280 -21.93 -22.21 6.80
C ASP A 280 -22.22 -21.77 8.22
N SER A 281 -21.21 -21.75 9.10
CA SER A 281 -21.35 -21.16 10.43
C SER A 281 -21.48 -19.65 10.44
N MET A 282 -21.07 -18.99 9.36
CA MET A 282 -20.99 -17.53 9.34
C MET A 282 -22.20 -16.93 8.64
N GLU A 283 -22.58 -15.73 9.07
CA GLU A 283 -23.55 -14.92 8.34
C GLU A 283 -22.85 -14.06 7.28
N ARG A 284 -21.71 -13.49 7.66
CA ARG A 284 -21.01 -12.53 6.83
C ARG A 284 -19.52 -12.84 6.72
N ILE A 285 -18.96 -12.55 5.53
CA ILE A 285 -17.52 -12.57 5.28
C ILE A 285 -17.07 -11.17 4.87
N SER A 286 -16.07 -10.62 5.56
CA SER A 286 -15.53 -9.32 5.22
C SER A 286 -14.06 -9.41 4.80
N ILE A 287 -13.68 -8.49 3.92
CA ILE A 287 -12.30 -8.40 3.43
C ILE A 287 -11.93 -6.97 3.09
N ILE A 288 -10.68 -6.58 3.37
CA ILE A 288 -10.12 -5.33 2.87
C ILE A 288 -9.42 -5.63 1.54
N THR A 289 -9.97 -5.07 0.47
CA THR A 289 -9.54 -5.35 -0.89
C THR A 289 -9.40 -4.02 -1.68
N HIS A 290 -9.57 -4.06 -3.00
CA HIS A 290 -9.40 -2.86 -3.86
C HIS A 290 -10.64 -2.65 -4.75
N PRO A 291 -10.81 -1.44 -5.33
CA PRO A 291 -12.07 -1.12 -6.04
C PRO A 291 -12.37 -1.97 -7.26
N GLN A 292 -11.37 -2.65 -7.80
CA GLN A 292 -11.57 -3.48 -8.99
C GLN A 292 -11.63 -4.97 -8.67
N ASP A 293 -11.85 -5.32 -7.41
CA ASP A 293 -11.98 -6.72 -7.03
C ASP A 293 -13.16 -7.29 -7.82
N PRO A 294 -12.94 -8.40 -8.56
CA PRO A 294 -14.03 -8.98 -9.36
C PRO A 294 -15.16 -9.68 -8.58
N LEU A 295 -15.03 -9.77 -7.26
CA LEU A 295 -15.98 -10.53 -6.45
C LEU A 295 -17.45 -10.25 -6.74
N PRO A 296 -17.88 -8.98 -6.80
CA PRO A 296 -19.30 -8.75 -7.02
C PRO A 296 -19.85 -9.37 -8.31
N HIS A 297 -19.00 -9.50 -9.33
CA HIS A 297 -19.40 -10.05 -10.64
C HIS A 297 -19.36 -11.58 -10.67
N LEU A 298 -18.83 -12.17 -9.60
CA LEU A 298 -18.84 -13.62 -9.43
C LEU A 298 -20.21 -14.10 -8.96
N LEU A 299 -21.02 -13.20 -8.41
CA LEU A 299 -22.30 -13.58 -7.79
C LEU A 299 -23.51 -13.19 -8.66
N THR A 300 -24.61 -13.93 -8.54
CA THR A 300 -25.85 -13.62 -9.27
C THR A 300 -26.47 -12.29 -8.83
N ASP A 301 -26.25 -11.92 -7.57
CA ASP A 301 -26.67 -10.62 -7.05
C ASP A 301 -25.44 -9.81 -6.62
N THR A 302 -25.03 -8.86 -7.46
CA THR A 302 -23.79 -8.10 -7.27
C THR A 302 -23.84 -7.19 -6.06
N ARG A 303 -25.05 -6.88 -5.61
CA ARG A 303 -25.29 -6.05 -4.43
C ARG A 303 -24.92 -6.73 -3.12
N LEU A 304 -24.91 -8.05 -3.09
CA LEU A 304 -24.54 -8.79 -1.87
C LEU A 304 -23.12 -8.49 -1.39
N ALA A 305 -22.22 -8.15 -2.30
CA ALA A 305 -20.90 -7.69 -1.93
C ALA A 305 -20.97 -6.19 -1.63
N ARG A 306 -21.35 -5.86 -0.40
CA ARG A 306 -21.55 -4.48 0.01
C ARG A 306 -20.22 -3.80 0.33
N THR A 307 -20.05 -2.58 -0.16
CA THR A 307 -18.93 -1.74 0.23
C THR A 307 -19.25 -1.09 1.56
N THR A 308 -18.60 -1.56 2.62
CA THR A 308 -18.84 -1.05 3.97
C THR A 308 -17.82 -0.03 4.45
N TRP A 309 -16.74 0.18 3.69
CA TRP A 309 -15.68 1.10 4.11
C TRP A 309 -14.77 1.43 2.94
N ARG A 310 -14.29 2.68 2.87
CA ARG A 310 -13.39 3.09 1.82
C ARG A 310 -12.37 4.06 2.36
N GLN A 311 -11.10 3.88 2.00
CA GLN A 311 -10.05 4.74 2.53
C GLN A 311 -8.75 4.72 1.69
N ASP A 312 -8.00 5.81 1.72
CA ASP A 312 -6.65 5.86 1.17
C ASP A 312 -5.78 4.75 1.79
N GLY A 313 -4.94 4.12 0.99
CA GLY A 313 -4.02 3.09 1.51
C GLY A 313 -2.58 3.57 1.58
N LEU A 314 -1.78 3.19 0.59
CA LEU A 314 -0.37 3.61 0.49
C LEU A 314 -0.31 5.06 -0.03
N TRP A 315 0.50 5.88 0.62
CA TRP A 315 0.82 7.24 0.14
C TRP A 315 2.25 7.26 -0.42
N LEU A 316 2.47 8.10 -1.42
CA LEU A 316 3.75 8.17 -2.13
C LEU A 316 4.26 9.62 -2.18
N ARG A 317 5.56 9.78 -1.94
CA ARG A 317 6.29 11.00 -2.28
C ARG A 317 7.35 10.67 -3.33
N ILE A 318 7.23 11.25 -4.52
CA ILE A 318 8.24 11.12 -5.55
C ILE A 318 9.44 11.99 -5.14
N MET A 319 10.58 11.35 -4.89
CA MET A 319 11.79 12.06 -4.45
C MET A 319 12.51 12.66 -5.64
N ASN A 320 12.62 11.87 -6.71
CA ASN A 320 13.26 12.27 -7.94
C ASN A 320 12.28 12.12 -9.12
N VAL A 321 11.76 13.23 -9.62
CA VAL A 321 10.74 13.20 -10.65
C VAL A 321 11.17 12.49 -11.94
N PRO A 322 12.30 12.89 -12.55
CA PRO A 322 12.65 12.21 -13.79
C PRO A 322 13.00 10.72 -13.63
N ALA A 323 13.63 10.32 -12.54
CA ALA A 323 13.91 8.91 -12.34
C ALA A 323 12.59 8.13 -12.14
N ALA A 324 11.67 8.67 -11.36
CA ALA A 324 10.41 7.93 -11.14
C ALA A 324 9.60 7.82 -12.43
N LEU A 325 9.53 8.91 -13.21
CA LEU A 325 8.69 8.92 -14.41
C LEU A 325 9.26 8.07 -15.54
N GLU A 326 10.59 8.00 -15.63
CA GLU A 326 11.21 7.15 -16.65
C GLU A 326 11.19 5.67 -16.26
N ALA A 327 11.17 5.36 -14.97
CA ALA A 327 11.24 3.93 -14.54
C ALA A 327 9.94 3.15 -14.77
N ARG A 328 8.83 3.87 -14.68
CA ARG A 328 7.48 3.31 -14.81
C ARG A 328 7.17 2.96 -16.28
N GLY A 329 6.41 1.87 -16.50
CA GLY A 329 5.81 1.58 -17.80
C GLY A 329 4.48 2.30 -17.97
N TYR A 330 4.10 2.60 -19.22
CA TYR A 330 2.89 3.37 -19.54
C TYR A 330 2.04 2.60 -20.55
N ALA A 331 0.78 2.99 -20.66
CA ALA A 331 -0.16 2.27 -21.51
C ALA A 331 0.28 2.38 -22.98
N HIS A 332 0.32 1.25 -23.68
CA HIS A 332 0.64 1.23 -25.11
C HIS A 332 -0.47 1.81 -25.98
N GLU A 333 -1.69 1.86 -25.46
CA GLU A 333 -2.84 2.19 -26.29
C GLU A 333 -2.78 3.65 -26.77
N VAL A 334 -2.30 4.53 -25.92
CA VAL A 334 -2.18 5.95 -26.28
C VAL A 334 -1.02 6.15 -27.25
N GLY A 335 -1.22 7.03 -28.22
CA GLY A 335 -0.20 7.31 -29.21
C GLY A 335 0.85 8.24 -28.63
N GLU A 336 2.05 8.21 -29.20
CA GLU A 336 3.15 9.06 -28.74
C GLU A 336 2.73 10.54 -28.65
N PHE A 337 3.09 11.18 -27.54
CA PHE A 337 2.86 12.63 -27.35
C PHE A 337 3.92 13.21 -26.41
N SER A 338 4.03 14.54 -26.44
CA SER A 338 5.02 15.29 -25.65
C SER A 338 4.34 16.45 -24.97
N THR A 339 4.84 16.82 -23.79
CA THR A 339 4.33 17.97 -23.08
C THR A 339 5.40 18.51 -22.13
N VAL A 340 5.09 19.60 -21.44
CA VAL A 340 5.96 20.16 -20.43
C VAL A 340 5.25 20.19 -19.08
N LEU A 341 5.87 19.52 -18.11
CA LEU A 341 5.34 19.36 -16.76
C LEU A 341 6.17 20.10 -15.73
N GLU A 342 5.54 21.00 -15.00
CA GLU A 342 6.15 21.61 -13.84
C GLU A 342 5.59 21.00 -12.55
N VAL A 343 6.49 20.55 -11.69
CA VAL A 343 6.13 20.22 -10.31
C VAL A 343 6.49 21.42 -9.45
N SER A 344 5.55 21.85 -8.61
CA SER A 344 5.63 23.16 -7.94
C SER A 344 6.99 23.52 -7.29
N ASP A 345 7.68 22.56 -6.67
CA ASP A 345 9.07 22.81 -6.23
C ASP A 345 9.93 21.59 -6.47
N GLY A 346 9.75 21.01 -7.66
CA GLY A 346 10.46 19.81 -8.04
C GLY A 346 10.97 19.87 -9.46
N GLY A 347 10.97 21.05 -10.07
CA GLY A 347 11.54 21.25 -11.40
C GLY A 347 10.52 21.29 -12.52
N ARG A 348 11.01 21.60 -13.71
CA ARG A 348 10.19 21.57 -14.90
C ARG A 348 10.85 20.67 -15.93
N PHE A 349 10.05 19.82 -16.57
CA PHE A 349 10.56 18.77 -17.46
C PHE A 349 9.81 18.66 -18.77
N ALA A 350 10.57 18.35 -19.82
CA ALA A 350 9.98 17.93 -21.08
C ALA A 350 9.67 16.43 -20.95
N LEU A 351 8.38 16.09 -21.00
CA LEU A 351 7.93 14.70 -20.85
C LEU A 351 7.39 14.17 -22.18
N LYS A 352 8.03 13.11 -22.68
CA LYS A 352 7.62 12.46 -23.91
C LYS A 352 7.30 11.00 -23.63
N ILE A 353 6.10 10.58 -23.98
CA ILE A 353 5.61 9.24 -23.72
C ILE A 353 5.24 8.58 -25.05
N GLY A 354 5.73 7.36 -25.27
CA GLY A 354 5.43 6.60 -26.48
C GLY A 354 5.97 5.20 -26.36
N ASP A 355 5.31 4.26 -27.05
CA ASP A 355 5.65 2.83 -27.00
C ASP A 355 5.77 2.32 -25.56
N GLY A 356 4.91 2.85 -24.69
CA GLY A 356 4.87 2.42 -23.31
C GLY A 356 5.98 2.91 -22.39
N ARG A 357 6.86 3.79 -22.89
CA ARG A 357 7.99 4.31 -22.12
C ARG A 357 7.94 5.84 -22.09
N ALA A 358 8.54 6.43 -21.05
CA ALA A 358 8.70 7.87 -20.98
C ALA A 358 10.17 8.30 -20.96
N ARG A 359 10.44 9.44 -21.59
CA ARG A 359 11.66 10.21 -21.41
C ARG A 359 11.32 11.54 -20.75
N CYS A 360 12.10 11.95 -19.76
CA CYS A 360 11.77 13.11 -18.92
C CYS A 360 13.03 13.92 -18.64
N THR A 361 13.22 15.03 -19.37
CA THR A 361 14.47 15.78 -19.37
C THR A 361 14.27 17.24 -18.90
N PRO A 362 15.32 17.88 -18.36
CA PRO A 362 15.18 19.28 -17.91
C PRO A 362 14.80 20.22 -19.04
N THR A 363 13.99 21.23 -18.74
CA THR A 363 13.67 22.26 -19.73
C THR A 363 13.26 23.54 -19.03
N ASP A 364 13.47 24.67 -19.69
CA ASP A 364 12.92 25.94 -19.24
C ASP A 364 11.78 26.42 -20.15
N ALA A 365 11.33 25.58 -21.07
CA ALA A 365 10.16 25.92 -21.91
C ALA A 365 8.88 26.12 -21.07
N ALA A 366 7.91 26.86 -21.61
CA ALA A 366 6.67 27.15 -20.87
C ALA A 366 5.97 25.84 -20.47
N ALA A 367 5.51 25.77 -19.22
CA ALA A 367 4.75 24.63 -18.72
C ALA A 367 3.38 24.51 -19.36
N GLU A 368 3.00 23.29 -19.74
CA GLU A 368 1.65 22.99 -20.20
C GLU A 368 0.78 22.40 -19.08
N ILE A 369 1.43 21.80 -18.08
CA ILE A 369 0.76 21.19 -16.93
C ILE A 369 1.52 21.58 -15.68
N GLU A 370 0.80 21.89 -14.61
CA GLU A 370 1.42 22.20 -13.33
C GLU A 370 0.70 21.44 -12.25
N MET A 371 1.46 20.94 -11.27
CA MET A 371 0.88 20.29 -10.10
C MET A 371 1.83 20.31 -8.91
N ASP A 372 1.29 20.19 -7.70
CA ASP A 372 2.15 19.98 -6.54
C ASP A 372 2.72 18.53 -6.57
N ARG A 373 3.81 18.34 -5.86
CA ARG A 373 4.49 17.07 -5.80
C ARG A 373 3.57 15.92 -5.36
N ASP A 374 2.76 16.16 -4.33
CA ASP A 374 1.84 15.14 -3.82
C ASP A 374 0.85 14.63 -4.89
N VAL A 375 0.44 15.50 -5.79
CA VAL A 375 -0.50 15.15 -6.85
C VAL A 375 0.12 14.11 -7.77
N LEU A 376 1.39 14.32 -8.11
CA LEU A 376 2.09 13.37 -8.97
C LEU A 376 2.16 11.98 -8.34
N GLY A 377 2.43 11.90 -7.03
CA GLY A 377 2.36 10.63 -6.32
C GLY A 377 1.01 9.92 -6.41
N SER A 378 -0.07 10.69 -6.28
CA SER A 378 -1.44 10.16 -6.44
C SER A 378 -1.71 9.62 -7.87
N LEU A 379 -1.09 10.21 -8.87
CA LEU A 379 -1.24 9.72 -10.25
C LEU A 379 -0.37 8.48 -10.53
N TYR A 380 0.71 8.33 -9.76
CA TYR A 380 1.85 7.56 -10.20
C TYR A 380 1.54 6.08 -10.39
N LEU A 381 0.68 5.50 -9.56
CA LEU A 381 0.37 4.07 -9.69
C LEU A 381 -0.93 3.79 -10.48
N GLY A 382 -1.63 4.84 -10.93
CA GLY A 382 -2.87 4.69 -11.68
C GLY A 382 -4.17 4.72 -10.89
N ALA A 383 -4.12 5.02 -9.60
CA ALA A 383 -5.33 4.95 -8.76
C ALA A 383 -6.25 6.16 -8.92
N HIS A 384 -5.70 7.29 -9.35
CA HIS A 384 -6.46 8.53 -9.51
C HIS A 384 -6.23 9.07 -10.90
N ARG A 385 -7.29 9.57 -11.52
CA ARG A 385 -7.23 10.09 -12.88
C ARG A 385 -6.81 11.55 -12.87
N ALA A 386 -5.92 11.92 -13.79
CA ALA A 386 -5.53 13.31 -13.97
C ALA A 386 -6.74 14.22 -14.17
N SER A 387 -7.72 13.77 -14.98
CA SER A 387 -8.99 14.51 -15.20
C SER A 387 -9.69 14.88 -13.91
N THR A 388 -9.75 13.91 -12.99
CA THR A 388 -10.44 14.11 -11.73
C THR A 388 -9.69 15.12 -10.85
N LEU A 389 -8.35 15.00 -10.82
CA LEU A 389 -7.52 15.96 -10.11
C LEU A 389 -7.58 17.37 -10.73
N ALA A 390 -7.64 17.44 -12.06
CA ALA A 390 -7.86 18.73 -12.73
C ALA A 390 -9.17 19.39 -12.32
N ALA A 391 -10.24 18.59 -12.20
CA ALA A 391 -11.55 19.10 -11.82
C ALA A 391 -11.55 19.70 -10.41
N ALA A 392 -10.59 19.29 -9.57
CA ALA A 392 -10.39 19.91 -8.26
C ALA A 392 -9.37 21.04 -8.29
N ASN A 393 -8.86 21.37 -9.48
CA ASN A 393 -7.78 22.35 -9.63
C ASN A 393 -6.45 21.96 -8.95
N ARG A 394 -6.26 20.66 -8.66
CA ARG A 394 -5.01 20.19 -8.09
C ARG A 394 -3.93 20.01 -9.16
N LEU A 395 -4.36 19.93 -10.40
CA LEU A 395 -3.43 20.09 -11.51
C LEU A 395 -4.05 21.02 -12.56
N ARG A 396 -3.22 21.94 -13.04
CA ARG A 396 -3.61 23.05 -13.91
C ARG A 396 -3.09 22.81 -15.31
N THR A 397 -4.00 22.90 -16.27
CA THR A 397 -3.65 22.95 -17.69
C THR A 397 -4.80 23.58 -18.46
N LYS A 398 -4.49 24.15 -19.63
CA LYS A 398 -5.50 24.73 -20.52
C LYS A 398 -5.68 23.85 -21.76
N ASP A 399 -5.49 22.55 -21.60
CA ASP A 399 -5.52 21.62 -22.72
C ASP A 399 -6.21 20.31 -22.32
N SER A 400 -7.48 20.18 -22.68
CA SER A 400 -8.27 19.01 -22.32
C SER A 400 -7.81 17.73 -23.05
N GLN A 401 -7.33 17.87 -24.27
CA GLN A 401 -6.72 16.75 -24.99
C GLN A 401 -5.53 16.13 -24.22
N LEU A 402 -4.70 17.00 -23.66
CA LEU A 402 -3.58 16.57 -22.83
C LEU A 402 -4.06 15.81 -21.60
N LEU A 403 -5.11 16.29 -20.95
CA LEU A 403 -5.71 15.56 -19.83
C LEU A 403 -6.12 14.15 -20.22
N ARG A 404 -6.82 14.02 -21.33
CA ARG A 404 -7.21 12.71 -21.83
C ARG A 404 -6.00 11.81 -22.06
N ARG A 405 -4.94 12.38 -22.64
CA ARG A 405 -3.73 11.60 -22.90
C ARG A 405 -3.03 11.16 -21.61
N LEU A 406 -3.00 12.02 -20.61
CA LEU A 406 -2.40 11.68 -19.31
C LEU A 406 -3.17 10.60 -18.59
N ASP A 407 -4.51 10.74 -18.54
CA ASP A 407 -5.40 9.69 -18.00
C ASP A 407 -5.08 8.32 -18.59
N ALA A 408 -5.02 8.27 -19.92
CA ALA A 408 -4.82 7.01 -20.62
C ALA A 408 -3.39 6.47 -20.44
N ALA A 409 -2.40 7.36 -20.47
CA ALA A 409 -1.00 6.91 -20.37
C ALA A 409 -0.65 6.40 -18.98
N PHE A 410 -1.08 7.11 -17.95
CA PHE A 410 -0.78 6.71 -16.56
C PHE A 410 -1.64 5.56 -16.03
N ALA A 411 -2.62 5.11 -16.82
CA ALA A 411 -3.47 4.00 -16.39
C ALA A 411 -2.65 2.72 -16.32
N SER A 412 -3.08 1.80 -15.46
CA SER A 412 -2.39 0.54 -15.28
C SER A 412 -3.26 -0.60 -15.76
N ASP A 413 -2.70 -1.40 -16.64
CA ASP A 413 -3.29 -2.64 -17.10
C ASP A 413 -3.72 -3.53 -15.91
N VAL A 414 -2.84 -3.70 -14.94
CA VAL A 414 -3.13 -4.49 -13.74
C VAL A 414 -3.56 -3.53 -12.64
N PRO A 415 -4.75 -3.74 -12.05
CA PRO A 415 -5.25 -2.75 -11.10
C PRO A 415 -4.36 -2.62 -9.84
N VAL A 416 -4.18 -1.38 -9.38
CA VAL A 416 -3.36 -1.08 -8.22
C VAL A 416 -3.93 -1.63 -6.92
N GLN A 417 -3.07 -2.24 -6.11
CA GLN A 417 -3.49 -2.90 -4.88
C GLN A 417 -2.56 -2.51 -3.73
N THR A 418 -2.99 -2.81 -2.50
CA THR A 418 -2.21 -2.53 -1.31
C THR A 418 -1.69 -3.82 -0.67
N ALA A 419 -0.37 -3.88 -0.53
CA ALA A 419 0.32 -5.09 -0.09
C ALA A 419 0.12 -5.38 1.40
N PHE A 420 0.74 -4.56 2.25
CA PHE A 420 0.58 -4.67 3.68
C PHE A 420 0.94 -3.34 4.32
N GLU A 421 0.35 -3.13 5.48
CA GLU A 421 0.47 -1.92 6.25
C GLU A 421 1.81 -1.88 6.97
N PHE A 422 2.38 -0.68 7.08
CA PHE A 422 3.61 -0.48 7.84
C PHE A 422 3.57 0.94 8.43
N1A COA B . -3.41 19.01 12.98
C2A COA B . -3.24 20.17 12.32
N3A COA B . -2.05 20.61 11.87
C4A COA B . -0.92 19.87 12.05
C5A COA B . -1.02 18.58 12.76
C6A COA B . -2.36 18.17 13.23
N6A COA B . -2.55 17.00 13.90
N7A COA B . 0.23 18.07 12.80
C8A COA B . 1.06 18.94 12.17
N9A COA B . 0.37 20.02 11.73
C1B COA B . 0.93 21.19 10.99
C2B COA B . 1.07 22.42 11.86
O2B COA B . -0.14 23.19 11.88
C3B COA B . 2.22 23.16 11.21
O3B COA B . 1.72 24.10 10.25
P3B COA B . 2.55 25.39 9.78
O7A COA B . 2.94 26.06 11.08
O8A COA B . 1.58 26.17 8.95
O9A COA B . 3.72 24.82 9.00
C4B COA B . 3.06 22.08 10.53
O4B COA B . 2.24 20.91 10.46
C5B COA B . 4.33 21.77 11.32
O5B COA B . 3.97 21.34 12.64
P1A COA B . 4.95 20.52 13.62
O1A COA B . 5.09 21.32 14.89
O2A COA B . 6.18 20.12 12.84
O3A COA B . 4.05 19.21 13.93
P2A COA B . 4.07 18.41 15.33
O4A COA B . 2.99 18.98 16.23
O5A COA B . 5.51 18.36 15.76
O6A COA B . 3.60 16.92 14.88
CBP COA B . 2.37 14.96 14.48
CCP COA B . 2.63 16.06 15.50
CDP COA B . 3.48 13.93 14.26
CEP COA B . 1.13 15.07 13.59
CAP COA B . 1.62 14.01 15.52
OAP COA B . 0.21 14.32 15.63
C9P COA B . 1.72 12.49 15.35
O9P COA B . 2.24 11.84 16.26
N8P COA B . 1.27 11.88 14.24
C7P COA B . 1.42 10.45 13.96
C6P COA B . 2.00 10.25 12.55
C5P COA B . 1.94 8.81 12.07
O5P COA B . 1.48 7.93 12.79
N4P COA B . 2.42 8.59 10.83
C3P COA B . 2.41 7.29 10.17
C2P COA B . 3.71 6.51 10.36
S1P COA B . 3.93 6.01 12.09
N 5LQ C . 2.70 -0.96 12.26
C 5LQ C . 9.84 0.06 14.05
O 5LQ C . -2.39 4.33 10.59
O2 5LQ C . 5.43 2.24 14.11
S 5LQ C . 5.28 0.82 14.20
O1 5LQ C . 5.63 0.37 15.52
C3 5LQ C . 6.15 -0.07 13.11
C2 5LQ C . 7.64 -0.04 13.07
C1 5LQ C . 8.45 0.06 14.20
C14 5LQ C . 8.24 -0.15 11.82
C15 5LQ C . 9.62 -0.16 11.68
C16 5LQ C . 10.42 -0.05 12.80
CL 5LQ C . 10.90 0.22 15.48
N2 5LQ C . 3.76 0.45 13.84
C6 5LQ C . 3.82 -0.44 12.81
C4 5LQ C . 5.16 -0.83 12.31
C5 5LQ C . 5.48 -1.78 11.20
C7 5LQ C . 1.38 -0.54 12.69
C8 5LQ C . 1.11 0.93 12.40
C9 5LQ C . 0.25 1.17 11.17
N1 5LQ C . -0.27 2.54 11.22
C13 5LQ C . -0.50 3.03 9.85
C12 5LQ C . -1.17 4.40 9.86
C11 5LQ C . -2.17 3.96 11.96
C10 5LQ C . -1.54 2.57 12.00
#